data_8DV0
#
_entry.id   8DV0
#
_cell.length_a   35.130
_cell.length_b   39.680
_cell.length_c   42.850
_cell.angle_alpha   107.050
_cell.angle_beta   106.870
_cell.angle_gamma   108.300
#
_symmetry.space_group_name_H-M   'P 1'
#
loop_
_entity.id
_entity.type
_entity.pdbx_description
1 polymer 'Dephospho-CoA kinase'
2 non-polymer 'SULFATE ION'
3 non-polymer 1,2-ETHANEDIOL
4 water water
#
_entity_poly.entity_id   1
_entity_poly.type   'polypeptide(L)'
_entity_poly.pdbx_seq_one_letter_code
;MAHHHHHHMLAIGITGSYASGKTFILDYLAEKGYKTFCADRCIKELYQDLSVQTQILKLLPELESFNIGKISNLIYNNDL
AREKLQNFIYPLLIDKLILFKKENANSKFGFAEIPLLYEAKFDKYFDFVVTIYCSEEIRMQRAITRTSFDIEIYNKIKEI
QLSQESKIAKADFAINSGVDMLDLEKQIEKLILVIARKL
;
_entity_poly.pdbx_strand_id   A
#
loop_
_chem_comp.id
_chem_comp.type
_chem_comp.name
_chem_comp.formula
EDO non-polymer 1,2-ETHANEDIOL 'C2 H6 O2'
SO4 non-polymer 'SULFATE ION' 'O4 S -2'
#
# COMPACT_ATOMS: atom_id res chain seq x y z
N HIS A 8 -3.25 9.71 21.65
CA HIS A 8 -3.92 9.36 20.39
C HIS A 8 -3.27 8.11 19.79
N MET A 9 -3.96 7.51 18.81
CA MET A 9 -3.50 6.26 18.22
C MET A 9 -2.20 6.48 17.45
N LEU A 10 -1.17 5.70 17.78
CA LEU A 10 0.01 5.69 16.93
C LEU A 10 -0.30 4.95 15.64
N ALA A 11 0.02 5.58 14.53
CA ALA A 11 -0.24 4.99 13.22
C ALA A 11 1.04 4.38 12.69
N ILE A 12 1.00 3.07 12.43
CA ILE A 12 2.16 2.32 11.94
CA ILE A 12 2.15 2.30 11.96
C ILE A 12 1.92 2.01 10.47
N GLY A 13 2.78 2.56 9.62
CA GLY A 13 2.69 2.32 8.19
C GLY A 13 3.45 1.06 7.82
N ILE A 14 2.88 0.30 6.90
CA ILE A 14 3.49 -0.93 6.40
C ILE A 14 3.78 -0.75 4.93
N THR A 15 5.05 -0.84 4.55
CA THR A 15 5.44 -0.63 3.18
C THR A 15 6.23 -1.82 2.69
N GLY A 16 6.38 -1.92 1.39
CA GLY A 16 7.09 -3.03 0.82
C GLY A 16 6.89 -3.05 -0.67
N SER A 17 7.85 -3.63 -1.40
CA SER A 17 7.68 -3.74 -2.83
C SER A 17 6.51 -4.68 -3.19
N TYR A 18 6.16 -4.67 -4.46
CA TYR A 18 5.08 -5.52 -4.92
C TYR A 18 5.41 -6.98 -4.64
N ALA A 19 4.42 -7.71 -4.11
CA ALA A 19 4.52 -9.12 -3.77
C ALA A 19 5.46 -9.41 -2.60
N SER A 20 5.74 -8.41 -1.76
CA SER A 20 6.56 -8.61 -0.58
C SER A 20 5.79 -9.15 0.60
N GLY A 21 4.47 -9.19 0.53
CA GLY A 21 3.64 -9.72 1.60
C GLY A 21 2.88 -8.70 2.41
N LYS A 22 2.73 -7.46 1.91
CA LYS A 22 2.00 -6.44 2.65
C LYS A 22 0.61 -6.89 3.00
N THR A 23 -0.10 -7.43 2.00
CA THR A 23 -1.48 -7.87 2.19
C THR A 23 -1.54 -8.95 3.25
N PHE A 24 -0.61 -9.89 3.21
CA PHE A 24 -0.62 -10.97 4.16
C PHE A 24 -0.49 -10.43 5.56
N ILE A 25 0.40 -9.46 5.76
CA ILE A 25 0.62 -8.96 7.11
C ILE A 25 -0.59 -8.19 7.61
N LEU A 26 -1.17 -7.34 6.77
CA LEU A 26 -2.36 -6.59 7.16
C LEU A 26 -3.52 -7.55 7.44
N ASP A 27 -3.68 -8.61 6.64
CA ASP A 27 -4.74 -9.59 6.88
C ASP A 27 -4.52 -10.29 8.22
N TYR A 28 -3.28 -10.63 8.53
CA TYR A 28 -2.97 -11.31 9.78
C TYR A 28 -3.29 -10.42 10.96
N LEU A 29 -2.86 -9.15 10.88
CA LEU A 29 -3.14 -8.23 11.99
C LEU A 29 -4.64 -8.05 12.18
N ALA A 30 -5.39 -7.91 11.08
CA ALA A 30 -6.83 -7.76 11.17
C ALA A 30 -7.46 -9.00 11.81
N GLU A 31 -7.02 -10.20 11.40
CA GLU A 31 -7.53 -11.44 11.99
C GLU A 31 -7.31 -11.48 13.49
N LYS A 32 -6.18 -10.93 13.96
CA LYS A 32 -5.84 -10.84 15.38
C LYS A 32 -6.50 -9.66 16.08
N GLY A 33 -7.38 -8.94 15.40
CA GLY A 33 -8.20 -7.90 16.01
C GLY A 33 -7.58 -6.52 16.08
N TYR A 34 -6.42 -6.33 15.47
CA TYR A 34 -5.84 -4.99 15.39
C TYR A 34 -6.56 -4.14 14.37
N LYS A 35 -6.54 -2.83 14.59
CA LYS A 35 -7.16 -1.88 13.66
C LYS A 35 -6.25 -1.73 12.46
N THR A 36 -6.82 -1.92 11.28
CA THR A 36 -6.06 -1.89 10.04
C THR A 36 -6.75 -1.01 9.00
N PHE A 37 -5.93 -0.35 8.21
CA PHE A 37 -6.39 0.50 7.10
C PHE A 37 -5.73 -0.02 5.84
N CYS A 38 -6.54 -0.52 4.92
CA CYS A 38 -6.01 -1.09 3.68
C CYS A 38 -6.16 -0.02 2.62
N ALA A 39 -5.08 0.70 2.35
CA ALA A 39 -5.18 1.82 1.43
C ALA A 39 -5.61 1.39 0.03
N ASP A 40 -5.18 0.22 -0.41
CA ASP A 40 -5.57 -0.22 -1.75
C ASP A 40 -7.07 -0.47 -1.87
N ARG A 41 -7.66 -1.06 -0.84
CA ARG A 41 -9.12 -1.23 -0.82
C ARG A 41 -9.80 0.12 -0.66
N CYS A 42 -9.18 1.05 0.08
CA CYS A 42 -9.78 2.36 0.18
CA CYS A 42 -9.75 2.38 0.19
C CYS A 42 -9.78 3.09 -1.15
N ILE A 43 -8.69 2.97 -1.92
CA ILE A 43 -8.67 3.55 -3.27
C ILE A 43 -9.82 2.99 -4.10
N LYS A 44 -10.03 1.67 -4.04
CA LYS A 44 -11.14 1.08 -4.80
C LYS A 44 -12.49 1.63 -4.34
N GLU A 45 -12.65 1.89 -3.05
CA GLU A 45 -13.87 2.52 -2.57
C GLU A 45 -14.01 3.94 -3.10
N LEU A 46 -12.91 4.70 -3.11
CA LEU A 46 -12.93 6.04 -3.70
C LEU A 46 -13.40 5.98 -5.15
N TYR A 47 -12.92 4.99 -5.90
CA TYR A 47 -13.33 4.86 -7.30
C TYR A 47 -14.80 4.52 -7.46
N GLN A 48 -15.47 4.06 -6.41
CA GLN A 48 -16.90 3.81 -6.50
C GLN A 48 -17.74 5.08 -6.31
N ASP A 49 -17.12 6.16 -5.89
CA ASP A 49 -17.83 7.41 -5.61
C ASP A 49 -18.04 8.14 -6.94
N LEU A 50 -19.29 8.45 -7.26
CA LEU A 50 -19.62 9.06 -8.55
CA LEU A 50 -19.60 9.05 -8.56
C LEU A 50 -18.94 10.41 -8.72
N SER A 51 -18.80 11.20 -7.65
CA SER A 51 -18.10 12.46 -7.80
CA SER A 51 -18.10 12.47 -7.76
C SER A 51 -16.62 12.26 -8.10
N VAL A 52 -15.98 11.32 -7.42
CA VAL A 52 -14.58 11.02 -7.70
C VAL A 52 -14.42 10.56 -9.14
N GLN A 53 -15.30 9.66 -9.59
CA GLN A 53 -15.25 9.20 -10.98
C GLN A 53 -15.33 10.36 -11.94
N THR A 54 -16.27 11.27 -11.68
CA THR A 54 -16.49 12.38 -12.60
C THR A 54 -15.26 13.27 -12.67
N GLN A 55 -14.68 13.60 -11.50
CA GLN A 55 -13.47 14.43 -11.48
C GLN A 55 -12.32 13.76 -12.20
N ILE A 56 -12.13 12.44 -11.98
CA ILE A 56 -11.07 11.73 -12.68
C ILE A 56 -11.26 11.78 -14.19
N LEU A 57 -12.51 11.61 -14.66
CA LEU A 57 -12.75 11.70 -16.09
C LEU A 57 -12.48 13.08 -16.65
N LYS A 58 -12.73 14.14 -15.87
CA LYS A 58 -12.41 15.48 -16.34
C LYS A 58 -10.91 15.67 -16.44
N LEU A 59 -10.16 15.11 -15.47
CA LEU A 59 -8.71 15.26 -15.45
C LEU A 59 -8.03 14.36 -16.47
N LEU A 60 -8.59 13.18 -16.74
CA LEU A 60 -8.02 12.22 -17.68
C LEU A 60 -9.07 11.88 -18.74
N PRO A 61 -9.41 12.83 -19.62
CA PRO A 61 -10.48 12.54 -20.60
C PRO A 61 -10.11 11.48 -21.60
N GLU A 62 -8.82 11.13 -21.70
CA GLU A 62 -8.38 10.08 -22.60
C GLU A 62 -8.91 8.71 -22.19
N LEU A 63 -9.36 8.56 -20.93
N LEU A 63 -9.35 8.55 -20.94
CA LEU A 63 -9.93 7.29 -20.50
CA LEU A 63 -10.15 7.40 -20.60
C LEU A 63 -11.20 6.96 -21.27
C LEU A 63 -11.45 7.49 -21.37
N GLU A 64 -11.95 7.99 -21.70
N GLU A 64 -11.79 6.44 -22.11
CA GLU A 64 -13.21 7.84 -22.43
CA GLU A 64 -13.06 6.54 -22.84
C GLU A 64 -14.36 7.35 -21.55
C GLU A 64 -14.29 6.42 -21.93
N SER A 65 -14.08 6.43 -20.61
CA SER A 65 -15.08 6.01 -19.64
C SER A 65 -14.40 5.69 -18.33
N PHE A 66 -15.14 5.76 -17.24
CA PHE A 66 -14.57 5.37 -15.96
C PHE A 66 -14.56 3.85 -15.84
N ASN A 67 -13.38 3.28 -15.99
CA ASN A 67 -13.22 1.84 -15.95
C ASN A 67 -11.87 1.57 -15.32
N ILE A 68 -11.86 0.70 -14.30
CA ILE A 68 -10.64 0.47 -13.52
C ILE A 68 -9.54 -0.13 -14.39
N GLY A 69 -9.91 -1.04 -15.28
CA GLY A 69 -8.94 -1.65 -16.16
C GLY A 69 -8.30 -0.64 -17.09
N LYS A 70 -9.11 0.30 -17.61
CA LYS A 70 -8.58 1.36 -18.44
C LYS A 70 -7.69 2.30 -17.63
N ILE A 71 -8.07 2.59 -16.38
CA ILE A 71 -7.21 3.41 -15.55
C ILE A 71 -5.86 2.73 -15.33
N SER A 72 -5.88 1.45 -14.93
CA SER A 72 -4.62 0.72 -14.72
C SER A 72 -3.75 0.76 -15.97
N ASN A 73 -4.35 0.44 -17.12
CA ASN A 73 -3.62 0.47 -18.37
CA ASN A 73 -3.62 0.47 -18.38
C ASN A 73 -2.99 1.83 -18.60
N LEU A 74 -3.76 2.90 -18.39
CA LEU A 74 -3.24 4.22 -18.67
C LEU A 74 -2.09 4.59 -17.73
N ILE A 75 -2.26 4.36 -16.43
CA ILE A 75 -1.25 4.85 -15.49
C ILE A 75 0.03 4.03 -15.54
N TYR A 76 -0.04 2.75 -15.92
CA TYR A 76 1.21 2.03 -16.16
C TYR A 76 1.86 2.39 -17.50
N ASN A 77 1.08 2.86 -18.46
CA ASN A 77 1.63 3.26 -19.74
C ASN A 77 2.13 4.70 -19.74
N ASN A 78 1.66 5.54 -18.82
CA ASN A 78 1.80 6.98 -18.98
C ASN A 78 2.14 7.62 -17.65
N ASP A 79 3.37 8.10 -17.50
CA ASP A 79 3.82 8.64 -16.22
C ASP A 79 3.10 9.93 -15.88
N LEU A 80 2.77 10.73 -16.89
CA LEU A 80 2.06 11.98 -16.60
C LEU A 80 0.69 11.69 -16.08
N ALA A 81 0.00 10.71 -16.67
CA ALA A 81 -1.33 10.36 -16.18
C ALA A 81 -1.28 9.77 -14.79
N ARG A 82 -0.27 8.94 -14.52
CA ARG A 82 -0.12 8.34 -13.20
C ARG A 82 0.10 9.43 -12.17
N GLU A 83 0.94 10.42 -12.49
CA GLU A 83 1.16 11.53 -11.56
C GLU A 83 -0.12 12.33 -11.33
N LYS A 84 -0.89 12.61 -12.39
CA LYS A 84 -2.13 13.35 -12.19
C LYS A 84 -3.09 12.59 -11.30
N LEU A 85 -3.22 11.29 -11.51
CA LEU A 85 -4.13 10.51 -10.69
C LEU A 85 -3.66 10.46 -9.25
N GLN A 86 -2.37 10.24 -9.02
CA GLN A 86 -1.86 10.16 -7.65
C GLN A 86 -2.02 11.46 -6.92
N ASN A 87 -1.83 12.59 -7.61
CA ASN A 87 -1.96 13.89 -6.95
C ASN A 87 -3.40 14.18 -6.59
N PHE A 88 -4.34 13.60 -7.35
CA PHE A 88 -5.76 13.79 -7.06
C PHE A 88 -6.20 12.86 -5.93
N ILE A 89 -5.76 11.58 -5.95
CA ILE A 89 -6.21 10.57 -4.97
C ILE A 89 -5.57 10.75 -3.61
N TYR A 90 -4.28 11.07 -3.55
CA TYR A 90 -3.55 11.10 -2.28
C TYR A 90 -4.25 11.92 -1.20
N PRO A 91 -4.69 13.15 -1.45
CA PRO A 91 -5.39 13.89 -0.38
C PRO A 91 -6.66 13.21 0.07
N LEU A 92 -7.41 12.61 -0.87
CA LEU A 92 -8.63 11.91 -0.48
C LEU A 92 -8.29 10.71 0.39
N LEU A 93 -7.17 10.06 0.11
CA LEU A 93 -6.73 8.94 0.92
C LEU A 93 -6.30 9.40 2.31
N ILE A 94 -5.61 10.53 2.40
CA ILE A 94 -5.26 11.10 3.71
C ILE A 94 -6.50 11.45 4.50
N ASP A 95 -7.52 12.02 3.86
CA ASP A 95 -8.76 12.28 4.60
C ASP A 95 -9.26 10.99 5.24
N LYS A 96 -9.25 9.90 4.47
CA LYS A 96 -9.75 8.62 5.02
C LYS A 96 -8.86 8.11 6.15
N LEU A 97 -7.56 8.34 6.04
CA LEU A 97 -6.65 7.93 7.11
CA LEU A 97 -6.65 7.94 7.12
C LEU A 97 -6.89 8.75 8.37
N ILE A 98 -7.16 10.05 8.21
CA ILE A 98 -7.50 10.87 9.37
C ILE A 98 -8.76 10.35 10.05
N LEU A 99 -9.77 9.97 9.27
CA LEU A 99 -10.98 9.41 9.87
C LEU A 99 -10.67 8.11 10.59
N PHE A 100 -9.81 7.29 10.00
CA PHE A 100 -9.41 6.02 10.61
C PHE A 100 -8.76 6.26 11.96
N LYS A 101 -7.85 7.24 12.02
CA LYS A 101 -7.25 7.56 13.31
C LYS A 101 -8.30 8.05 14.32
N LYS A 102 -9.23 8.88 13.87
CA LYS A 102 -10.25 9.43 14.76
C LYS A 102 -11.14 8.33 15.34
N GLU A 103 -11.64 7.44 14.48
CA GLU A 103 -12.54 6.41 14.97
C GLU A 103 -11.82 5.43 15.88
N ASN A 104 -10.50 5.37 15.80
CA ASN A 104 -9.74 4.42 16.59
C ASN A 104 -8.92 5.09 17.68
N ALA A 105 -9.40 6.22 18.20
CA ALA A 105 -8.64 7.01 19.17
C ALA A 105 -8.42 6.29 20.49
N ASN A 106 -9.25 5.32 20.84
CA ASN A 106 -9.03 4.57 22.06
C ASN A 106 -8.15 3.36 21.85
N SER A 107 -7.52 3.22 20.70
CA SER A 107 -6.55 2.15 20.47
C SER A 107 -5.15 2.75 20.51
N LYS A 108 -4.24 2.11 21.23
CA LYS A 108 -2.94 2.74 21.40
C LYS A 108 -2.17 2.79 20.09
N PHE A 109 -2.37 1.82 19.19
CA PHE A 109 -1.78 1.86 17.87
C PHE A 109 -2.68 1.12 16.89
N GLY A 110 -2.44 1.41 15.60
CA GLY A 110 -3.12 0.76 14.51
C GLY A 110 -2.21 0.79 13.30
N PHE A 111 -2.59 0.05 12.26
CA PHE A 111 -1.70 -0.22 11.13
C PHE A 111 -2.34 0.21 9.82
N ALA A 112 -1.53 0.75 8.93
CA ALA A 112 -1.99 1.16 7.62
C ALA A 112 -1.04 0.63 6.55
N GLU A 113 -1.62 -0.03 5.54
CA GLU A 113 -0.84 -0.42 4.37
C GLU A 113 -0.56 0.81 3.54
N ILE A 114 0.70 1.05 3.19
CA ILE A 114 1.09 2.12 2.29
C ILE A 114 0.97 1.58 0.87
N PRO A 115 0.07 2.11 0.05
CA PRO A 115 -0.20 1.45 -1.23
C PRO A 115 0.97 1.61 -2.19
N LEU A 116 1.10 0.62 -3.06
CA LEU A 116 2.18 0.60 -4.01
C LEU A 116 2.19 1.91 -4.80
N LEU A 117 3.37 2.48 -4.94
CA LEU A 117 3.67 3.65 -5.74
C LEU A 117 3.31 4.92 -5.00
N TYR A 118 2.65 4.85 -3.82
CA TYR A 118 2.41 6.02 -2.98
C TYR A 118 3.47 6.14 -1.89
N GLU A 119 4.53 5.33 -1.96
CA GLU A 119 5.57 5.35 -0.94
C GLU A 119 6.16 6.73 -0.77
N ALA A 120 6.48 7.41 -1.88
CA ALA A 120 7.02 8.76 -1.80
C ALA A 120 6.05 9.72 -1.11
N LYS A 121 4.78 9.70 -1.54
CA LYS A 121 3.80 10.62 -0.99
C LYS A 121 3.65 10.46 0.52
N PHE A 122 3.76 9.24 1.02
CA PHE A 122 3.57 8.94 2.43
C PHE A 122 4.84 9.12 3.26
N ASP A 123 5.94 9.57 2.67
CA ASP A 123 7.16 9.77 3.44
C ASP A 123 6.89 10.66 4.65
N LYS A 124 7.25 10.17 5.82
CA LYS A 124 7.15 10.88 7.09
C LYS A 124 5.71 11.09 7.56
N TYR A 125 4.74 10.40 6.97
CA TYR A 125 3.36 10.52 7.44
C TYR A 125 3.11 9.79 8.77
N PHE A 126 3.71 8.63 8.97
CA PHE A 126 3.33 7.73 10.06
C PHE A 126 4.22 7.91 11.29
N ASP A 127 3.73 7.42 12.44
CA ASP A 127 4.54 7.48 13.65
C ASP A 127 5.72 6.53 13.58
N PHE A 128 5.50 5.35 13.03
CA PHE A 128 6.55 4.38 12.77
C PHE A 128 6.24 3.72 11.45
N VAL A 129 7.30 3.26 10.77
CA VAL A 129 7.20 2.59 9.48
C VAL A 129 7.84 1.21 9.59
N VAL A 130 7.11 0.20 9.18
CA VAL A 130 7.61 -1.16 9.03
C VAL A 130 7.70 -1.44 7.54
N THR A 131 8.87 -1.88 7.08
CA THR A 131 9.08 -2.35 5.72
CA THR A 131 9.00 -2.36 5.72
C THR A 131 9.18 -3.87 5.69
N ILE A 132 8.47 -4.48 4.75
CA ILE A 132 8.51 -5.92 4.52
C ILE A 132 9.34 -6.14 3.27
N TYR A 133 10.36 -6.99 3.37
CA TYR A 133 11.30 -7.20 2.28
C TYR A 133 11.44 -8.68 2.00
N CYS A 134 11.84 -9.00 0.78
CA CYS A 134 12.24 -10.37 0.46
C CYS A 134 12.94 -10.35 -0.89
N SER A 135 13.55 -11.48 -1.24
CA SER A 135 14.37 -11.51 -2.44
C SER A 135 13.51 -11.25 -3.67
N GLU A 136 14.14 -10.69 -4.71
CA GLU A 136 13.45 -10.51 -5.98
C GLU A 136 12.95 -11.84 -6.55
N GLU A 137 13.71 -12.93 -6.34
CA GLU A 137 13.28 -14.24 -6.82
C GLU A 137 11.97 -14.67 -6.17
N ILE A 138 11.81 -14.45 -4.87
CA ILE A 138 10.57 -14.82 -4.18
C ILE A 138 9.44 -13.89 -4.61
N ARG A 139 9.72 -12.59 -4.76
CA ARG A 139 8.67 -11.68 -5.22
CA ARG A 139 8.68 -11.68 -5.22
C ARG A 139 8.17 -12.07 -6.61
N MET A 140 9.08 -12.47 -7.50
CA MET A 140 8.63 -12.83 -8.83
CA MET A 140 8.65 -12.85 -8.85
C MET A 140 7.80 -14.11 -8.80
N GLN A 141 8.21 -15.09 -8.00
CA GLN A 141 7.44 -16.32 -7.86
C GLN A 141 6.04 -16.00 -7.36
N ARG A 142 5.94 -15.18 -6.32
CA ARG A 142 4.63 -14.82 -5.80
C ARG A 142 3.80 -14.08 -6.83
N ALA A 143 4.41 -13.14 -7.55
CA ALA A 143 3.66 -12.42 -8.58
C ALA A 143 3.07 -13.37 -9.62
N ILE A 144 3.84 -14.38 -10.04
CA ILE A 144 3.39 -15.32 -11.06
C ILE A 144 2.23 -16.15 -10.56
N THR A 145 2.21 -16.49 -9.27
CA THR A 145 1.13 -17.31 -8.75
C THR A 145 -0.18 -16.54 -8.55
N ARG A 146 -0.18 -15.22 -8.69
CA ARG A 146 -1.39 -14.42 -8.56
C ARG A 146 -2.10 -14.28 -9.90
N THR A 147 -3.42 -14.13 -9.85
CA THR A 147 -4.22 -14.15 -11.07
C THR A 147 -4.04 -12.90 -11.93
N SER A 148 -3.45 -11.85 -11.36
CA SER A 148 -3.26 -10.56 -12.01
C SER A 148 -1.95 -10.45 -12.77
N PHE A 149 -1.19 -11.54 -12.90
CA PHE A 149 0.18 -11.42 -13.39
C PHE A 149 0.22 -10.88 -14.82
N ASP A 150 1.10 -9.91 -15.03
CA ASP A 150 1.27 -9.27 -16.32
C ASP A 150 2.73 -8.82 -16.34
N ILE A 151 3.55 -9.43 -17.19
CA ILE A 151 5.00 -9.14 -17.17
C ILE A 151 5.27 -7.67 -17.47
N GLU A 152 4.49 -7.07 -18.36
CA GLU A 152 4.68 -5.64 -18.65
C GLU A 152 4.40 -4.78 -17.43
N ILE A 153 3.30 -5.05 -16.72
CA ILE A 153 3.01 -4.28 -15.52
C ILE A 153 4.04 -4.58 -14.44
N TYR A 154 4.36 -5.85 -14.25
CA TYR A 154 5.37 -6.21 -13.26
C TYR A 154 6.68 -5.46 -13.53
N ASN A 155 7.12 -5.42 -14.79
CA ASN A 155 8.36 -4.71 -15.09
C ASN A 155 8.23 -3.22 -14.83
N LYS A 156 7.07 -2.61 -15.14
CA LYS A 156 6.89 -1.20 -14.88
C LYS A 156 6.92 -0.92 -13.37
N ILE A 157 6.25 -1.77 -12.58
CA ILE A 157 6.33 -1.63 -11.14
C ILE A 157 7.79 -1.74 -10.67
N LYS A 158 8.53 -2.68 -11.25
CA LYS A 158 9.92 -2.87 -10.82
C LYS A 158 10.75 -1.63 -11.07
N GLU A 159 10.37 -0.82 -12.07
CA GLU A 159 11.10 0.41 -12.34
C GLU A 159 10.59 1.60 -11.54
N ILE A 160 9.28 1.67 -11.28
CA ILE A 160 8.73 2.78 -10.50
C ILE A 160 9.16 2.68 -9.05
N GLN A 161 8.91 1.54 -8.43
CA GLN A 161 8.87 1.49 -6.98
C GLN A 161 10.25 1.74 -6.40
N LEU A 162 10.28 2.32 -5.20
CA LEU A 162 11.55 2.52 -4.53
C LEU A 162 12.22 1.18 -4.25
N SER A 163 13.54 1.18 -4.31
CA SER A 163 14.28 -0.04 -4.00
C SER A 163 14.00 -0.52 -2.57
N GLN A 164 14.19 -1.80 -2.34
CA GLN A 164 14.06 -2.33 -0.98
C GLN A 164 15.07 -1.69 -0.04
N GLU A 165 16.31 -1.50 -0.49
CA GLU A 165 17.31 -0.84 0.37
C GLU A 165 16.84 0.54 0.81
N SER A 166 16.25 1.32 -0.10
CA SER A 166 15.75 2.63 0.28
CA SER A 166 15.76 2.63 0.30
C SER A 166 14.60 2.51 1.26
N LYS A 167 13.70 1.54 1.05
CA LYS A 167 12.61 1.41 2.00
CA LYS A 167 12.59 1.32 1.97
C LYS A 167 13.10 0.91 3.35
N ILE A 168 14.12 0.04 3.39
CA ILE A 168 14.68 -0.36 4.68
C ILE A 168 15.30 0.83 5.38
N ALA A 169 15.97 1.70 4.62
CA ALA A 169 16.62 2.86 5.22
C ALA A 169 15.61 3.78 5.90
N LYS A 170 14.40 3.88 5.37
CA LYS A 170 13.36 4.75 5.91
C LYS A 170 12.47 4.05 6.93
N ALA A 171 12.76 2.83 7.28
CA ALA A 171 11.88 2.08 8.15
C ALA A 171 12.45 2.06 9.56
N ASP A 172 11.53 2.07 10.53
CA ASP A 172 11.89 1.80 11.92
C ASP A 172 12.14 0.31 12.15
N PHE A 173 11.42 -0.54 11.42
CA PHE A 173 11.56 -1.98 11.55
C PHE A 173 11.45 -2.61 10.17
N ALA A 174 12.28 -3.62 9.93
CA ALA A 174 12.27 -4.34 8.66
C ALA A 174 12.04 -5.82 8.93
N ILE A 175 11.03 -6.40 8.27
CA ILE A 175 10.64 -7.79 8.46
C ILE A 175 10.88 -8.56 7.16
N ASN A 176 11.46 -9.75 7.27
CA ASN A 176 11.79 -10.61 6.13
C ASN A 176 10.58 -11.50 5.83
N SER A 177 9.92 -11.27 4.70
CA SER A 177 8.82 -12.17 4.32
C SER A 177 9.30 -13.33 3.45
N GLY A 178 10.58 -13.39 3.12
CA GLY A 178 11.08 -14.48 2.30
C GLY A 178 11.38 -15.73 3.10
N VAL A 179 10.47 -16.01 4.02
CA VAL A 179 10.52 -17.12 4.94
C VAL A 179 9.16 -17.80 4.84
N ASP A 180 9.07 -18.96 5.44
CA ASP A 180 7.78 -19.62 5.47
C ASP A 180 6.76 -18.76 6.21
N MET A 181 5.49 -18.97 5.86
CA MET A 181 4.41 -18.15 6.40
C MET A 181 4.37 -18.17 7.94
N LEU A 182 4.61 -19.31 8.55
CA LEU A 182 4.51 -19.39 10.01
C LEU A 182 5.64 -18.63 10.70
N ASP A 183 6.84 -18.60 10.12
CA ASP A 183 7.90 -17.74 10.66
CA ASP A 183 7.89 -17.74 10.68
C ASP A 183 7.58 -16.27 10.42
N LEU A 184 6.95 -15.94 9.29
CA LEU A 184 6.52 -14.57 9.08
C LEU A 184 5.56 -14.12 10.19
N GLU A 185 4.58 -14.99 10.52
CA GLU A 185 3.67 -14.66 11.59
C GLU A 185 4.40 -14.45 12.91
N LYS A 186 5.43 -15.26 13.18
CA LYS A 186 6.20 -15.05 14.39
C LYS A 186 6.88 -13.69 14.40
N GLN A 187 7.38 -13.24 13.24
CA GLN A 187 7.98 -11.91 13.16
C GLN A 187 6.96 -10.80 13.40
N ILE A 188 5.74 -10.96 12.86
CA ILE A 188 4.70 -9.98 13.14
C ILE A 188 4.43 -9.91 14.64
N GLU A 189 4.37 -11.06 15.29
CA GLU A 189 4.15 -11.03 16.74
C GLU A 189 5.30 -10.34 17.45
N LYS A 190 6.53 -10.51 16.96
CA LYS A 190 7.63 -9.76 17.55
C LYS A 190 7.44 -8.26 17.35
N LEU A 191 6.99 -7.86 16.15
CA LEU A 191 6.76 -6.45 15.87
C LEU A 191 5.75 -5.87 16.84
N ILE A 192 4.66 -6.59 17.10
CA ILE A 192 3.66 -6.08 18.03
C ILE A 192 4.29 -5.79 19.39
N LEU A 193 5.14 -6.71 19.86
CA LEU A 193 5.76 -6.53 21.17
C LEU A 193 6.68 -5.32 21.19
N VAL A 194 7.43 -5.10 20.12
CA VAL A 194 8.34 -3.95 20.08
C VAL A 194 7.56 -2.65 20.10
N ILE A 195 6.51 -2.55 19.26
CA ILE A 195 5.70 -1.33 19.27
C ILE A 195 5.09 -1.10 20.65
N ALA A 196 4.60 -2.16 21.27
CA ALA A 196 3.97 -2.02 22.58
C ALA A 196 4.94 -1.48 23.62
N ARG A 197 6.23 -1.78 23.48
CA ARG A 197 7.19 -1.24 24.43
C ARG A 197 7.58 0.20 24.13
N LYS A 198 7.34 0.66 22.90
CA LYS A 198 7.56 2.07 22.59
C LYS A 198 6.59 2.95 23.34
N LEU A 199 5.41 2.44 23.71
CA LEU A 199 4.38 3.24 24.36
C LEU A 199 4.83 3.78 25.71
S SO4 B . 1.93 -7.46 -1.48
O1 SO4 B . 0.69 -7.10 -0.79
O2 SO4 B . 2.24 -8.87 -1.21
O3 SO4 B . 3.04 -6.65 -0.99
O4 SO4 B . 1.77 -7.28 -2.93
C1 EDO C . 0.50 -6.97 -11.55
O1 EDO C . -0.27 -7.01 -12.75
C2 EDO C . 1.94 -7.38 -11.86
O2 EDO C . 2.01 -8.73 -12.34
C1 EDO D . -9.71 -1.01 6.14
O1 EDO D . -9.22 -0.26 5.04
C2 EDO D . -10.79 -0.21 6.86
O2 EDO D . -10.18 0.77 7.71
S SO4 E . 15.06 -4.43 -5.32
O1 SO4 E . 13.66 -4.80 -5.53
O2 SO4 E . 15.13 -3.30 -4.40
O3 SO4 E . 15.66 -4.07 -6.61
O4 SO4 E . 15.76 -5.56 -4.72
#